data_4GK8
#
_entry.id   4GK8
#
_cell.length_a   85.860
_cell.length_b   86.622
_cell.length_c   45.093
_cell.angle_alpha   90.00
_cell.angle_beta   90.00
_cell.angle_gamma   90.00
#
_symmetry.space_group_name_H-M   'P 21 21 2'
#
loop_
_entity.id
_entity.type
_entity.pdbx_description
1 polymer Histidinol-phosphatase
2 non-polymer 'ZINC ION'
3 non-polymer {[(2S)-2-amino-3-(1H-imidazol-5-yl)propyl]oxy}(trihydroxy)-lambda~5~-arsanyl
4 non-polymer 'CHLORIDE ION'
5 non-polymer IMIDAZOLE
6 non-polymer DI(HYDROXYETHYL)ETHER
7 water water
#
_entity_poly.entity_id   1
_entity_poly.type   'polypeptide(L)'
_entity_poly.pdbx_seq_one_letter_code
;MSLKKLDYHFHSHFSADSEELPRKHVTEAIAHGLEEICFTEHRDFYFPGMDFSLNLPEYFQEINQLQAEFKDKIKIKIGL
EMGIDLRFKSEINQFIDSAPFDFVIASVHEIGDIEVYDGTEFYLQKTKEEAQREYLLACLDVVQNFENYNSFGHLDYVAR
YGPYTDKSIKFAENREILFEILRALASKEKALEINTRLFDDPKTEQFYSDLLINFKRLGGKFITLGTDSHIAKRDWLSIH
KARTLIKKAGFHELATFSGMKIDKNKKSIKEKLAAALEHHHHHH
;
_entity_poly.pdbx_strand_id   A
#
loop_
_chem_comp.id
_chem_comp.type
_chem_comp.name
_chem_comp.formula
CL non-polymer 'CHLORIDE ION' 'Cl -1'
GK8 non-polymer {[(2S)-2-amino-3-(1H-imidazol-5-yl)propyl]oxy}(trihydroxy)-lambda~5~-arsanyl 'C6 H13 As N3 O4'
IMD non-polymer IMIDAZOLE 'C3 H5 N2 1'
PEG non-polymer DI(HYDROXYETHYL)ETHER 'C4 H10 O3'
ZN non-polymer 'ZINC ION' 'Zn 2'
#
# COMPACT_ATOMS: atom_id res chain seq x y z
N SER A 2 -1.31 -19.56 -11.89
CA SER A 2 -2.04 -18.30 -11.95
C SER A 2 -2.13 -17.64 -10.57
N LEU A 3 -2.13 -16.31 -10.55
CA LEU A 3 -2.14 -15.56 -9.30
C LEU A 3 -3.51 -15.62 -8.64
N LYS A 4 -3.52 -15.77 -7.32
CA LYS A 4 -4.75 -15.67 -6.55
C LYS A 4 -5.46 -14.36 -6.90
N LYS A 5 -6.78 -14.42 -7.08
CA LYS A 5 -7.56 -13.21 -7.33
C LYS A 5 -7.87 -12.53 -5.99
N LEU A 6 -7.30 -11.34 -5.78
CA LEU A 6 -7.40 -10.67 -4.50
C LEU A 6 -7.31 -9.15 -4.62
N ASP A 7 -7.59 -8.47 -3.50
CA ASP A 7 -7.32 -7.04 -3.35
C ASP A 7 -6.84 -6.85 -1.93
N TYR A 8 -5.61 -6.37 -1.78
CA TYR A 8 -4.98 -6.26 -0.47
C TYR A 8 -4.68 -4.82 -0.06
N HIS A 9 -5.45 -3.86 -0.58
CA HIS A 9 -5.32 -2.47 -0.15
C HIS A 9 -6.59 -1.71 -0.53
N PHE A 10 -7.42 -1.41 0.46
CA PHE A 10 -8.62 -0.61 0.22
C PHE A 10 -9.21 -0.11 1.54
N HIS A 11 -10.10 0.87 1.44
CA HIS A 11 -10.56 1.63 2.60
C HIS A 11 -12.07 1.76 2.64
N SER A 12 -12.63 1.74 3.85
CA SER A 12 -14.07 1.92 4.04
C SER A 12 -14.28 3.09 4.99
N HIS A 13 -15.54 3.29 5.42
CA HIS A 13 -15.85 4.39 6.33
C HIS A 13 -15.04 4.42 7.64
N PHE A 14 -14.41 3.30 8.00
CA PHE A 14 -13.55 3.30 9.19
C PHE A 14 -12.30 4.19 9.02
N SER A 15 -11.88 4.38 7.77
CA SER A 15 -10.75 5.28 7.46
C SER A 15 -11.24 6.72 7.41
N ALA A 16 -10.37 7.65 7.80
CA ALA A 16 -10.74 9.06 7.90
C ALA A 16 -11.09 9.70 6.55
N ASP A 17 -10.59 9.14 5.47
CA ASP A 17 -10.81 9.74 4.15
C ASP A 17 -11.67 8.88 3.22
N SER A 18 -12.42 7.95 3.80
CA SER A 18 -13.36 7.14 3.02
C SER A 18 -14.70 7.10 3.74
N GLU A 19 -15.79 6.99 2.97
CA GLU A 19 -17.11 6.84 3.58
C GLU A 19 -17.84 5.63 3.02
N GLU A 20 -17.10 4.68 2.44
CA GLU A 20 -17.71 3.52 1.80
C GLU A 20 -18.21 2.44 2.78
N LEU A 21 -19.28 1.75 2.41
CA LEU A 21 -19.76 0.59 3.17
C LEU A 21 -18.84 -0.63 3.02
N PRO A 22 -18.38 -1.21 4.14
CA PRO A 22 -17.58 -2.44 4.02
C PRO A 22 -18.30 -3.54 3.24
N ARG A 23 -19.61 -3.68 3.45
CA ARG A 23 -20.38 -4.69 2.74
C ARG A 23 -20.31 -4.51 1.22
N LYS A 24 -20.26 -3.26 0.76
CA LYS A 24 -20.16 -3.01 -0.68
C LYS A 24 -18.83 -3.43 -1.29
N HIS A 25 -17.73 -3.27 -0.55
CA HIS A 25 -16.44 -3.81 -1.02
C HIS A 25 -16.57 -5.30 -1.20
N VAL A 26 -17.22 -5.96 -0.25
CA VAL A 26 -17.32 -7.41 -0.26
C VAL A 26 -18.16 -7.90 -1.45
N THR A 27 -19.33 -7.29 -1.66
CA THR A 27 -20.22 -7.75 -2.72
C THR A 27 -19.64 -7.45 -4.09
N GLU A 28 -18.89 -6.36 -4.20
CA GLU A 28 -18.19 -6.05 -5.44
C GLU A 28 -17.08 -7.07 -5.70
N ALA A 29 -16.38 -7.44 -4.63
CA ALA A 29 -15.29 -8.41 -4.73
C ALA A 29 -15.84 -9.77 -5.16
N ILE A 30 -16.98 -10.15 -4.59
CA ILE A 30 -17.60 -11.43 -4.90
C ILE A 30 -18.13 -11.45 -6.35
N ALA A 31 -18.72 -10.35 -6.79
CA ALA A 31 -19.22 -10.25 -8.16
C ALA A 31 -18.11 -10.40 -9.20
N HIS A 32 -16.91 -9.93 -8.88
CA HIS A 32 -15.76 -10.05 -9.77
C HIS A 32 -15.11 -11.42 -9.71
N GLY A 33 -15.36 -12.17 -8.64
CA GLY A 33 -14.74 -13.46 -8.47
C GLY A 33 -13.44 -13.46 -7.67
N LEU A 34 -13.22 -12.43 -6.86
CA LEU A 34 -12.05 -12.43 -5.99
C LEU A 34 -12.15 -13.56 -4.96
N GLU A 35 -11.00 -14.16 -4.65
CA GLU A 35 -10.93 -15.24 -3.68
C GLU A 35 -10.67 -14.73 -2.27
N GLU A 36 -10.00 -13.59 -2.15
CA GLU A 36 -9.59 -13.09 -0.84
C GLU A 36 -9.46 -11.59 -0.89
N ILE A 37 -9.87 -10.91 0.17
CA ILE A 37 -9.64 -9.47 0.29
C ILE A 37 -9.15 -9.12 1.69
N CYS A 38 -8.39 -8.04 1.79
CA CYS A 38 -7.97 -7.54 3.10
C CYS A 38 -8.27 -6.05 3.21
N PHE A 39 -9.17 -5.70 4.13
CA PHE A 39 -9.39 -4.30 4.46
C PHE A 39 -8.09 -3.74 5.03
N THR A 40 -7.71 -2.54 4.64
CA THR A 40 -6.48 -1.95 5.15
C THR A 40 -6.72 -0.49 5.54
N GLU A 41 -7.46 -0.29 6.63
CA GLU A 41 -7.87 1.05 7.04
C GLU A 41 -6.68 1.90 7.53
N HIS A 42 -6.82 3.23 7.42
CA HIS A 42 -5.77 4.17 7.83
C HIS A 42 -5.58 4.30 9.33
N ARG A 43 -4.33 4.22 9.77
CA ARG A 43 -3.89 4.90 10.98
C ARG A 43 -2.61 5.71 10.68
N ASP A 44 -2.63 7.00 11.00
CA ASP A 44 -1.44 7.87 10.90
C ASP A 44 -1.42 8.71 12.19
N PHE A 45 -0.31 8.70 12.93
CA PHE A 45 -0.22 9.46 14.19
C PHE A 45 0.06 10.93 13.93
N TYR A 46 -0.65 11.80 14.67
CA TYR A 46 -0.37 13.25 14.68
C TYR A 46 -0.27 13.81 13.25
N PHE A 47 -1.18 13.35 12.41
CA PHE A 47 -1.13 13.70 11.00
C PHE A 47 -1.42 15.18 10.81
N PRO A 48 -0.69 15.83 9.90
CA PRO A 48 -0.94 17.26 9.71
C PRO A 48 -2.28 17.56 9.01
N GLY A 49 -3.08 18.43 9.62
CA GLY A 49 -4.29 18.95 9.01
C GLY A 49 -5.55 18.10 9.10
N MET A 50 -5.41 16.84 9.48
CA MET A 50 -6.55 15.92 9.50
C MET A 50 -6.23 14.67 10.31
N ASP A 51 -7.15 14.26 11.17
CA ASP A 51 -6.90 13.16 12.07
C ASP A 51 -7.20 11.81 11.40
N PHE A 52 -6.20 10.94 11.30
CA PHE A 52 -6.40 9.59 10.77
C PHE A 52 -6.42 8.59 11.91
N SER A 53 -7.54 8.58 12.63
CA SER A 53 -7.71 7.71 13.78
C SER A 53 -8.53 6.50 13.35
N LEU A 54 -8.51 5.46 14.17
CA LEU A 54 -9.17 4.22 13.79
C LEU A 54 -9.82 3.59 15.01
N ASN A 55 -11.13 3.38 14.93
CA ASN A 55 -11.89 2.78 16.04
C ASN A 55 -11.80 1.26 15.96
N LEU A 56 -10.80 0.69 16.64
CA LEU A 56 -10.52 -0.74 16.52
C LEU A 56 -11.66 -1.69 16.94
N PRO A 57 -12.31 -1.42 18.10
CA PRO A 57 -13.46 -2.26 18.46
C PRO A 57 -14.53 -2.31 17.37
N GLU A 58 -14.94 -1.15 16.87
CA GLU A 58 -15.96 -1.07 15.83
C GLU A 58 -15.51 -1.73 14.51
N TYR A 59 -14.25 -1.51 14.13
CA TYR A 59 -13.68 -2.01 12.88
C TYR A 59 -13.70 -3.53 12.89
N PHE A 60 -13.10 -4.11 13.93
CA PHE A 60 -13.03 -5.56 14.05
C PHE A 60 -14.41 -6.19 14.16
N GLN A 61 -15.32 -5.53 14.86
CA GLN A 61 -16.64 -6.09 15.03
C GLN A 61 -17.36 -6.17 13.68
N GLU A 62 -17.32 -5.10 12.90
CA GLU A 62 -17.98 -5.09 11.61
C GLU A 62 -17.40 -6.11 10.65
N ILE A 63 -16.08 -6.15 10.52
CA ILE A 63 -15.49 -7.11 9.58
C ILE A 63 -15.66 -8.54 10.07
N ASN A 64 -15.59 -8.77 11.39
CA ASN A 64 -15.81 -10.10 11.94
C ASN A 64 -17.19 -10.64 11.60
N GLN A 65 -18.19 -9.77 11.64
CA GLN A 65 -19.54 -10.14 11.20
C GLN A 65 -19.59 -10.49 9.71
N LEU A 66 -18.88 -9.72 8.88
CA LEU A 66 -18.86 -10.03 7.45
C LEU A 66 -18.11 -11.33 7.16
N GLN A 67 -17.04 -11.60 7.90
CA GLN A 67 -16.31 -12.87 7.74
C GLN A 67 -17.24 -14.05 7.96
N ALA A 68 -18.10 -13.92 8.97
CA ALA A 68 -19.03 -15.01 9.29
C ALA A 68 -20.09 -15.14 8.21
N GLU A 69 -20.67 -14.02 7.81
CA GLU A 69 -21.73 -14.03 6.80
C GLU A 69 -21.24 -14.55 5.45
N PHE A 70 -20.04 -14.17 5.04
CA PHE A 70 -19.58 -14.49 3.67
C PHE A 70 -18.50 -15.57 3.61
N LYS A 71 -18.38 -16.30 4.71
CA LYS A 71 -17.39 -17.36 4.90
C LYS A 71 -17.27 -18.33 3.73
N ASP A 72 -18.41 -18.72 3.18
CA ASP A 72 -18.42 -19.71 2.10
C ASP A 72 -18.14 -19.13 0.71
N LYS A 73 -18.02 -17.82 0.61
CA LYS A 73 -17.96 -17.19 -0.70
C LYS A 73 -16.64 -16.46 -0.96
N ILE A 74 -16.03 -15.93 0.09
CA ILE A 74 -14.81 -15.17 -0.04
C ILE A 74 -14.06 -15.14 1.30
N LYS A 75 -12.74 -15.13 1.23
CA LYS A 75 -11.89 -15.06 2.42
C LYS A 75 -11.63 -13.58 2.74
N ILE A 76 -11.98 -13.15 3.94
CA ILE A 76 -11.83 -11.73 4.31
C ILE A 76 -10.84 -11.57 5.46
N LYS A 77 -9.83 -10.72 5.27
CA LYS A 77 -8.82 -10.44 6.29
C LYS A 77 -8.98 -9.00 6.80
N ILE A 78 -8.49 -8.73 8.01
CA ILE A 78 -8.62 -7.41 8.65
C ILE A 78 -7.22 -6.83 8.82
N GLY A 79 -6.92 -5.82 8.04
CA GLY A 79 -5.55 -5.30 8.04
C GLY A 79 -5.50 -3.81 8.29
N LEU A 80 -4.36 -3.22 7.96
CA LEU A 80 -4.04 -1.86 8.40
C LEU A 80 -3.08 -1.21 7.42
N GLU A 81 -3.37 0.02 7.02
CA GLU A 81 -2.36 0.82 6.34
C GLU A 81 -1.81 1.80 7.35
N MET A 82 -0.57 1.54 7.78
CA MET A 82 0.05 2.31 8.84
C MET A 82 0.99 3.37 8.26
N GLY A 83 0.67 4.64 8.45
CA GLY A 83 1.58 5.69 8.03
C GLY A 83 2.76 5.72 8.98
N ILE A 84 3.98 5.71 8.47
CA ILE A 84 5.13 5.62 9.35
C ILE A 84 5.92 6.93 9.44
N ASP A 85 6.28 7.29 10.66
CA ASP A 85 7.21 8.37 10.92
C ASP A 85 8.05 7.88 12.08
N LEU A 86 9.36 7.86 11.90
CA LEU A 86 10.27 7.27 12.88
C LEU A 86 10.24 8.02 14.22
N ARG A 87 9.85 9.29 14.19
CA ARG A 87 9.70 10.05 15.44
C ARG A 87 8.67 9.41 16.39
N PHE A 88 7.73 8.64 15.83
CA PHE A 88 6.66 8.04 16.62
C PHE A 88 6.72 6.53 16.64
N LYS A 89 7.92 5.97 16.43
CA LYS A 89 8.09 4.52 16.29
C LYS A 89 7.50 3.70 17.45
N SER A 90 7.80 4.08 18.69
CA SER A 90 7.30 3.30 19.81
C SER A 90 5.77 3.40 19.95
N GLU A 91 5.20 4.58 19.72
CA GLU A 91 3.74 4.71 19.72
C GLU A 91 3.09 3.90 18.60
N ILE A 92 3.74 3.89 17.44
CA ILE A 92 3.24 3.13 16.30
C ILE A 92 3.27 1.63 16.61
N ASN A 93 4.38 1.16 17.17
CA ASN A 93 4.47 -0.25 17.55
C ASN A 93 3.44 -0.66 18.61
N GLN A 94 3.19 0.22 19.57
CA GLN A 94 2.14 -0.08 20.55
C GLN A 94 0.78 -0.24 19.87
N PHE A 95 0.48 0.64 18.92
CA PHE A 95 -0.78 0.54 18.19
C PHE A 95 -0.87 -0.76 17.38
N ILE A 96 0.18 -1.09 16.63
CA ILE A 96 0.14 -2.28 15.79
C ILE A 96 -0.04 -3.55 16.64
N ASP A 97 0.64 -3.57 17.78
CA ASP A 97 0.60 -4.72 18.69
C ASP A 97 -0.68 -4.80 19.51
N SER A 98 -1.51 -3.75 19.47
CA SER A 98 -2.72 -3.69 20.30
C SER A 98 -3.90 -4.53 19.79
N ALA A 99 -3.86 -4.95 18.53
CA ALA A 99 -4.97 -5.69 17.92
C ALA A 99 -4.43 -6.71 16.95
N PRO A 100 -5.19 -7.80 16.72
CA PRO A 100 -4.67 -8.89 15.89
C PRO A 100 -4.85 -8.63 14.39
N PHE A 101 -4.18 -7.61 13.87
CA PHE A 101 -4.22 -7.34 12.44
C PHE A 101 -3.67 -8.54 11.69
N ASP A 102 -4.27 -8.82 10.54
CA ASP A 102 -3.82 -9.92 9.70
C ASP A 102 -2.66 -9.50 8.80
N PHE A 103 -2.58 -8.21 8.51
CA PHE A 103 -1.67 -7.73 7.45
C PHE A 103 -1.45 -6.24 7.66
N VAL A 104 -0.20 -5.81 7.56
CA VAL A 104 0.12 -4.40 7.76
C VAL A 104 0.94 -3.87 6.60
N ILE A 105 0.47 -2.77 6.02
CA ILE A 105 1.22 -2.02 5.03
C ILE A 105 1.90 -0.84 5.73
N ALA A 106 3.19 -0.63 5.44
CA ALA A 106 3.92 0.56 5.90
C ALA A 106 3.96 1.53 4.73
N SER A 107 3.52 2.77 4.98
CA SER A 107 3.43 3.80 3.95
C SER A 107 4.05 5.09 4.47
N VAL A 108 4.57 5.90 3.56
CA VAL A 108 4.98 7.27 3.87
C VAL A 108 3.97 8.25 3.28
N HIS A 109 3.33 9.04 4.16
CA HIS A 109 2.29 10.00 3.78
C HIS A 109 2.65 11.43 4.13
N GLU A 110 3.58 11.59 5.06
CA GLU A 110 4.07 12.92 5.45
C GLU A 110 5.54 12.82 5.82
N ILE A 111 6.25 13.92 5.60
CA ILE A 111 7.65 13.99 5.96
C ILE A 111 7.87 15.28 6.72
N GLY A 112 8.29 15.14 7.99
CA GLY A 112 8.58 16.29 8.83
C GLY A 112 7.37 17.17 9.03
N ASP A 113 6.21 16.53 9.20
CA ASP A 113 4.92 17.19 9.44
C ASP A 113 4.42 17.98 8.25
N ILE A 114 4.96 17.72 7.07
CA ILE A 114 4.42 18.28 5.84
C ILE A 114 3.79 17.13 5.08
N GLU A 115 2.50 17.23 4.78
CA GLU A 115 1.84 16.16 4.04
C GLU A 115 2.26 16.12 2.56
N VAL A 116 2.53 14.92 2.07
CA VAL A 116 2.78 14.72 0.65
C VAL A 116 1.42 14.59 -0.04
N TYR A 117 0.96 15.67 -0.67
CA TYR A 117 -0.39 15.69 -1.21
C TYR A 117 -0.57 16.92 -2.07
N ASP A 118 -1.65 16.98 -2.83
CA ASP A 118 -1.93 18.16 -3.65
C ASP A 118 -2.05 19.40 -2.78
N GLY A 119 -1.41 20.49 -3.20
CA GLY A 119 -1.65 21.78 -2.58
C GLY A 119 -0.96 22.04 -1.26
N THR A 120 -0.05 21.15 -0.86
CA THR A 120 0.67 21.34 0.38
C THR A 120 2.00 22.00 0.11
N GLU A 121 2.73 22.28 1.18
CA GLU A 121 4.06 22.86 1.10
C GLU A 121 5.12 21.87 0.58
N PHE A 122 4.80 20.58 0.53
CA PHE A 122 5.80 19.59 0.12
C PHE A 122 6.39 19.84 -1.26
N TYR A 123 5.57 20.34 -2.19
CA TYR A 123 6.02 20.51 -3.57
C TYR A 123 6.37 21.97 -3.87
N LEU A 124 6.23 22.83 -2.87
CA LEU A 124 6.39 24.26 -3.07
C LEU A 124 7.85 24.62 -3.40
N GLN A 125 8.06 25.22 -4.58
CA GLN A 125 9.40 25.63 -5.03
C GLN A 125 10.43 24.50 -5.03
N LYS A 126 9.95 23.30 -5.38
CA LYS A 126 10.77 22.11 -5.40
C LYS A 126 10.55 21.48 -6.77
N THR A 127 11.62 21.08 -7.45
CA THR A 127 11.46 20.40 -8.74
C THR A 127 10.91 19.00 -8.48
N LYS A 128 10.35 18.39 -9.51
CA LYS A 128 9.79 17.05 -9.36
C LYS A 128 10.88 16.06 -8.96
N GLU A 129 12.07 16.24 -9.53
CA GLU A 129 13.19 15.36 -9.19
C GLU A 129 13.62 15.51 -7.72
N GLU A 130 13.58 16.75 -7.23
CA GLU A 130 13.88 17.02 -5.83
C GLU A 130 12.83 16.39 -4.93
N ALA A 131 11.56 16.51 -5.31
CA ALA A 131 10.47 15.97 -4.51
C ALA A 131 10.52 14.44 -4.45
N GLN A 132 10.78 13.82 -5.60
CA GLN A 132 10.91 12.38 -5.69
C GLN A 132 12.06 11.87 -4.83
N ARG A 133 13.19 12.58 -4.88
CA ARG A 133 14.35 12.15 -4.12
C ARG A 133 14.07 12.24 -2.62
N GLU A 134 13.46 13.35 -2.18
N GLU A 134 13.47 13.33 -2.18
CA GLU A 134 13.11 13.53 -0.77
CA GLU A 134 13.14 13.49 -0.76
C GLU A 134 12.14 12.45 -0.29
C GLU A 134 12.15 12.42 -0.30
N TYR A 135 11.16 12.12 -1.12
CA TYR A 135 10.18 11.11 -0.79
C TYR A 135 10.84 9.73 -0.65
N LEU A 136 11.70 9.38 -1.61
CA LEU A 136 12.30 8.05 -1.59
C LEU A 136 13.33 7.90 -0.48
N LEU A 137 14.03 8.97 -0.15
CA LEU A 137 14.93 8.95 1.02
C LEU A 137 14.16 8.68 2.32
N ALA A 138 12.98 9.27 2.45
CA ALA A 138 12.13 8.99 3.62
C ALA A 138 11.65 7.52 3.66
N CYS A 139 11.29 6.97 2.49
CA CYS A 139 10.95 5.55 2.39
C CYS A 139 12.13 4.66 2.80
N LEU A 140 13.32 4.95 2.29
CA LEU A 140 14.51 4.18 2.64
C LEU A 140 14.76 4.23 4.15
N ASP A 141 14.62 5.40 4.73
CA ASP A 141 14.79 5.58 6.18
C ASP A 141 13.84 4.63 6.95
N VAL A 142 12.58 4.59 6.55
CA VAL A 142 11.59 3.69 7.15
C VAL A 142 12.01 2.22 7.03
N VAL A 143 12.33 1.77 5.81
CA VAL A 143 12.72 0.39 5.58
C VAL A 143 13.96 -0.01 6.42
N GLN A 144 14.90 0.92 6.54
CA GLN A 144 16.11 0.68 7.33
C GLN A 144 15.92 0.60 8.84
N ASN A 145 14.86 1.22 9.34
CA ASN A 145 14.74 1.44 10.78
C ASN A 145 13.43 0.99 11.42
N PHE A 146 12.54 0.42 10.62
CA PHE A 146 11.25 -0.04 11.12
C PHE A 146 10.98 -1.44 10.53
N GLU A 147 10.44 -2.35 11.33
CA GLU A 147 10.27 -3.76 10.92
C GLU A 147 8.86 -4.33 11.09
N ASN A 148 7.98 -3.60 11.77
CA ASN A 148 6.68 -4.15 12.19
C ASN A 148 5.60 -3.99 11.13
N TYR A 149 5.84 -4.56 9.96
CA TYR A 149 4.88 -4.50 8.86
C TYR A 149 5.15 -5.66 7.91
N ASN A 150 4.25 -5.87 6.95
CA ASN A 150 4.38 -6.97 5.99
C ASN A 150 4.79 -6.54 4.60
N SER A 151 4.26 -5.39 4.16
CA SER A 151 4.43 -4.95 2.78
C SER A 151 4.64 -3.46 2.72
N PHE A 152 5.45 -3.00 1.76
CA PHE A 152 5.72 -1.58 1.66
C PHE A 152 4.81 -0.89 0.66
N GLY A 153 4.03 0.09 1.12
CA GLY A 153 3.01 0.70 0.29
C GLY A 153 3.46 1.69 -0.78
N HIS A 154 2.74 1.69 -1.89
CA HIS A 154 2.88 2.66 -2.99
C HIS A 154 4.18 3.48 -3.07
N LEU A 155 5.23 2.88 -3.61
CA LEU A 155 6.48 3.62 -3.82
C LEU A 155 6.30 4.80 -4.78
N ASP A 156 5.31 4.73 -5.66
CA ASP A 156 5.02 5.84 -6.57
C ASP A 156 4.05 6.90 -6.01
N TYR A 157 3.82 6.88 -4.69
CA TYR A 157 2.86 7.80 -4.06
C TYR A 157 3.13 9.26 -4.43
N VAL A 158 4.40 9.64 -4.43
CA VAL A 158 4.80 11.02 -4.69
C VAL A 158 4.40 11.46 -6.11
N ALA A 159 4.23 10.49 -7.00
CA ALA A 159 3.87 10.77 -8.40
C ALA A 159 2.37 10.99 -8.59
N ARG A 160 1.58 10.82 -7.53
CA ARG A 160 0.15 11.08 -7.64
C ARG A 160 -0.14 12.57 -7.63
N TYR A 161 0.73 13.36 -7.00
CA TYR A 161 0.34 14.71 -6.61
C TYR A 161 1.38 15.73 -7.03
N GLY A 162 1.04 17.01 -6.85
CA GLY A 162 2.00 18.05 -7.14
C GLY A 162 1.57 18.89 -8.33
N PRO A 163 2.26 20.01 -8.53
CA PRO A 163 1.87 21.03 -9.51
C PRO A 163 2.47 20.81 -10.89
N TYR A 164 3.26 19.74 -11.07
CA TYR A 164 3.98 19.48 -12.33
C TYR A 164 3.06 19.10 -13.49
N THR A 165 3.42 19.49 -14.70
CA THR A 165 2.65 19.11 -15.87
C THR A 165 2.67 17.59 -16.06
N ASP A 166 3.85 17.01 -15.88
CA ASP A 166 4.04 15.56 -15.99
C ASP A 166 4.52 15.11 -14.63
N LYS A 167 3.67 14.39 -13.90
CA LYS A 167 3.99 13.99 -12.53
C LYS A 167 4.69 12.63 -12.46
N SER A 168 4.92 12.00 -13.60
CA SER A 168 5.45 10.64 -13.63
C SER A 168 6.78 10.47 -12.88
N ILE A 169 7.01 9.27 -12.36
CA ILE A 169 8.30 8.94 -11.75
C ILE A 169 9.00 7.92 -12.63
N LYS A 170 10.26 8.19 -12.97
CA LYS A 170 11.03 7.27 -13.79
C LYS A 170 12.03 6.51 -12.92
N PHE A 171 12.08 5.20 -13.09
CA PHE A 171 13.02 4.36 -12.34
C PHE A 171 14.45 4.82 -12.56
N ALA A 172 14.80 5.07 -13.82
CA ALA A 172 16.16 5.46 -14.20
C ALA A 172 16.68 6.68 -13.45
N GLU A 173 15.81 7.67 -13.22
CA GLU A 173 16.22 8.91 -12.56
C GLU A 173 16.36 8.76 -11.04
N ASN A 174 15.94 7.61 -10.51
CA ASN A 174 16.02 7.34 -9.07
C ASN A 174 16.62 5.96 -8.81
N ARG A 175 17.44 5.50 -9.74
CA ARG A 175 17.92 4.13 -9.75
C ARG A 175 18.65 3.71 -8.46
N GLU A 176 19.57 4.54 -7.98
CA GLU A 176 20.39 4.16 -6.82
C GLU A 176 19.56 4.02 -5.55
N ILE A 177 18.68 4.98 -5.28
CA ILE A 177 17.85 4.92 -4.09
C ILE A 177 16.84 3.76 -4.16
N LEU A 178 16.26 3.55 -5.33
CA LEU A 178 15.32 2.44 -5.49
C LEU A 178 16.00 1.07 -5.35
N PHE A 179 17.24 0.95 -5.82
CA PHE A 179 18.00 -0.28 -5.58
C PHE A 179 18.19 -0.51 -4.10
N GLU A 180 18.56 0.55 -3.37
CA GLU A 180 18.75 0.44 -1.93
C GLU A 180 17.47 -0.03 -1.24
N ILE A 181 16.34 0.59 -1.60
CA ILE A 181 15.04 0.25 -1.02
C ILE A 181 14.66 -1.19 -1.33
N LEU A 182 14.76 -1.56 -2.60
CA LEU A 182 14.36 -2.90 -3.04
C LEU A 182 15.21 -3.97 -2.37
N ARG A 183 16.52 -3.74 -2.31
CA ARG A 183 17.42 -4.72 -1.69
C ARG A 183 17.17 -4.86 -0.20
N ALA A 184 16.89 -3.73 0.46
CA ALA A 184 16.60 -3.75 1.88
C ALA A 184 15.30 -4.52 2.16
N LEU A 185 14.26 -4.26 1.37
CA LEU A 185 13.02 -5.03 1.49
C LEU A 185 13.25 -6.54 1.31
N ALA A 186 13.98 -6.90 0.26
CA ALA A 186 14.29 -8.29 -0.04
C ALA A 186 15.04 -8.95 1.11
N SER A 187 16.06 -8.27 1.62
CA SER A 187 16.87 -8.89 2.65
C SER A 187 16.10 -9.01 3.97
N LYS A 188 15.12 -8.14 4.20
CA LYS A 188 14.29 -8.24 5.41
C LYS A 188 13.03 -9.08 5.22
N GLU A 189 12.93 -9.73 4.06
CA GLU A 189 11.78 -10.56 3.71
C GLU A 189 10.44 -9.82 3.78
N LYS A 190 10.42 -8.58 3.31
CA LYS A 190 9.19 -7.81 3.23
C LYS A 190 8.63 -7.91 1.83
N ALA A 191 7.33 -7.69 1.71
CA ALA A 191 6.69 -7.68 0.41
C ALA A 191 6.73 -6.30 -0.21
N LEU A 192 6.73 -6.27 -1.52
CA LEU A 192 6.59 -5.03 -2.27
C LEU A 192 5.13 -4.94 -2.69
N GLU A 193 4.49 -3.79 -2.46
CA GLU A 193 3.11 -3.62 -2.91
C GLU A 193 3.06 -3.11 -4.36
N ILE A 194 2.28 -3.78 -5.19
CA ILE A 194 1.97 -3.23 -6.51
C ILE A 194 0.61 -2.53 -6.39
N ASN A 195 0.66 -1.20 -6.39
CA ASN A 195 -0.51 -0.37 -6.11
C ASN A 195 -1.08 0.13 -7.44
N THR A 196 -2.35 -0.17 -7.72
CA THR A 196 -2.87 0.11 -9.05
C THR A 196 -3.50 1.48 -9.25
N ARG A 197 -3.40 2.35 -8.24
CA ARG A 197 -4.05 3.66 -8.30
C ARG A 197 -3.82 4.40 -9.63
N LEU A 198 -2.57 4.48 -10.07
CA LEU A 198 -2.21 5.24 -11.27
C LEU A 198 -1.99 4.39 -12.53
N PHE A 199 -2.47 3.15 -12.54
CA PHE A 199 -2.16 2.22 -13.63
C PHE A 199 -2.85 2.53 -14.98
N ASP A 200 -3.72 3.53 -15.00
CA ASP A 200 -4.31 4.02 -16.25
C ASP A 200 -3.27 4.71 -17.12
N ASP A 201 -2.12 5.03 -16.53
CA ASP A 201 -1.07 5.76 -17.20
C ASP A 201 0.07 4.79 -17.53
N PRO A 202 0.41 4.65 -18.82
CA PRO A 202 1.48 3.75 -19.28
C PRO A 202 2.79 3.99 -18.55
N LYS A 203 3.03 5.23 -18.12
CA LYS A 203 4.27 5.55 -17.42
C LYS A 203 4.31 4.88 -16.04
N THR A 204 3.14 4.66 -15.45
CA THR A 204 3.05 3.97 -14.17
C THR A 204 3.36 2.48 -14.36
N GLU A 205 2.81 1.90 -15.43
CA GLU A 205 3.11 0.52 -15.78
C GLU A 205 4.62 0.33 -15.95
N GLN A 206 5.26 1.24 -16.66
CA GLN A 206 6.70 1.19 -16.88
C GLN A 206 7.48 1.24 -15.58
N PHE A 207 7.09 2.13 -14.68
CA PHE A 207 7.73 2.25 -13.37
C PHE A 207 7.64 0.96 -12.57
N TYR A 208 6.44 0.42 -12.43
CA TYR A 208 6.27 -0.80 -11.65
C TYR A 208 6.89 -2.02 -12.33
N SER A 209 6.92 -2.03 -13.65
CA SER A 209 7.62 -3.10 -14.34
C SER A 209 9.09 -3.10 -13.93
N ASP A 210 9.70 -1.91 -13.95
CA ASP A 210 11.08 -1.75 -13.50
C ASP A 210 11.26 -2.12 -12.02
N LEU A 211 10.34 -1.70 -11.16
CA LEU A 211 10.39 -2.10 -9.74
C LEU A 211 10.39 -3.62 -9.59
N LEU A 212 9.47 -4.27 -10.30
CA LEU A 212 9.28 -5.71 -10.18
C LEU A 212 10.51 -6.49 -10.63
N ILE A 213 11.00 -6.19 -11.83
CA ILE A 213 12.17 -6.88 -12.38
C ILE A 213 13.41 -6.74 -11.49
N ASN A 214 13.65 -5.53 -11.01
CA ASN A 214 14.78 -5.27 -10.13
C ASN A 214 14.63 -5.81 -8.71
N PHE A 215 13.40 -5.84 -8.19
CA PHE A 215 13.13 -6.50 -6.91
C PHE A 215 13.52 -7.99 -7.01
N LYS A 216 13.11 -8.63 -8.10
CA LYS A 216 13.45 -10.03 -8.35
C LYS A 216 14.97 -10.22 -8.41
N ARG A 217 15.65 -9.32 -9.10
CA ARG A 217 17.11 -9.37 -9.25
C ARG A 217 17.78 -9.25 -7.88
N LEU A 218 17.16 -8.49 -6.98
CA LEU A 218 17.77 -8.21 -5.68
C LEU A 218 17.26 -9.12 -4.56
N GLY A 219 16.60 -10.20 -4.93
CA GLY A 219 16.23 -11.21 -3.95
C GLY A 219 14.79 -11.13 -3.46
N GLY A 220 13.99 -10.28 -4.09
CA GLY A 220 12.59 -10.15 -3.72
C GLY A 220 11.80 -11.44 -3.94
N LYS A 221 10.91 -11.75 -3.00
CA LYS A 221 10.10 -12.98 -3.04
C LYS A 221 8.59 -12.67 -2.98
N PHE A 222 8.22 -11.69 -2.15
CA PHE A 222 6.83 -11.48 -1.79
C PHE A 222 6.25 -10.23 -2.44
N ILE A 223 5.10 -10.39 -3.08
CA ILE A 223 4.40 -9.30 -3.76
C ILE A 223 2.99 -9.22 -3.23
N THR A 224 2.53 -8.02 -2.87
CA THR A 224 1.11 -7.83 -2.62
C THR A 224 0.49 -6.93 -3.70
N LEU A 225 -0.82 -7.06 -3.89
CA LEU A 225 -1.49 -6.33 -4.95
C LEU A 225 -2.68 -5.62 -4.35
N GLY A 226 -2.85 -4.34 -4.63
CA GLY A 226 -3.99 -3.61 -4.10
C GLY A 226 -4.45 -2.45 -4.97
N THR A 227 -5.74 -2.16 -4.90
CA THR A 227 -6.35 -1.08 -5.69
C THR A 227 -6.23 0.31 -5.05
N ASP A 228 -6.10 0.34 -3.72
CA ASP A 228 -6.19 1.58 -2.95
C ASP A 228 -7.56 2.27 -3.11
N SER A 229 -8.59 1.48 -3.36
N SER A 229 -8.60 1.49 -3.39
CA SER A 229 -9.92 2.03 -3.57
CA SER A 229 -9.90 2.11 -3.62
C SER A 229 -10.50 2.58 -2.27
C SER A 229 -10.56 2.55 -2.32
N HIS A 230 -11.11 3.77 -2.36
CA HIS A 230 -11.80 4.34 -1.22
C HIS A 230 -13.32 4.24 -1.44
N ILE A 231 -13.69 3.74 -2.61
CA ILE A 231 -15.09 3.39 -2.94
C ILE A 231 -15.13 1.97 -3.51
N ALA A 232 -16.31 1.36 -3.53
CA ALA A 232 -16.41 -0.04 -3.89
C ALA A 232 -16.14 -0.32 -5.38
N LYS A 233 -16.51 0.62 -6.25
CA LYS A 233 -16.31 0.47 -7.69
C LYS A 233 -14.83 0.47 -8.07
N ARG A 234 -14.35 -0.63 -8.68
CA ARG A 234 -12.93 -0.75 -8.97
C ARG A 234 -12.56 -0.62 -10.44
N ASP A 235 -11.32 -0.25 -10.69
CA ASP A 235 -10.77 -0.22 -12.03
C ASP A 235 -10.11 -1.57 -12.30
N TRP A 236 -10.90 -2.53 -12.80
CA TRP A 236 -10.40 -3.89 -12.97
C TRP A 236 -9.33 -4.00 -14.06
N LEU A 237 -9.47 -3.19 -15.12
CA LEU A 237 -8.44 -3.16 -16.18
C LEU A 237 -7.06 -2.89 -15.59
N SER A 238 -6.99 -1.95 -14.66
CA SER A 238 -5.72 -1.59 -14.03
C SER A 238 -5.16 -2.75 -13.22
N ILE A 239 -6.03 -3.42 -12.47
CA ILE A 239 -5.65 -4.64 -11.76
C ILE A 239 -5.11 -5.74 -12.68
N HIS A 240 -5.79 -5.94 -13.81
CA HIS A 240 -5.38 -6.98 -14.74
C HIS A 240 -4.02 -6.64 -15.37
N LYS A 241 -3.81 -5.37 -15.67
CA LYS A 241 -2.51 -4.91 -16.18
C LYS A 241 -1.39 -5.19 -15.18
N ALA A 242 -1.68 -4.95 -13.89
CA ALA A 242 -0.69 -5.20 -12.84
C ALA A 242 -0.37 -6.69 -12.73
N ARG A 243 -1.41 -7.52 -12.77
CA ARG A 243 -1.23 -8.96 -12.67
C ARG A 243 -0.33 -9.49 -13.81
N THR A 244 -0.51 -8.92 -14.99
CA THR A 244 0.31 -9.29 -16.14
C THR A 244 1.80 -8.96 -15.93
N LEU A 245 2.07 -7.76 -15.40
CA LEU A 245 3.44 -7.36 -15.08
C LEU A 245 4.10 -8.25 -14.04
N ILE A 246 3.34 -8.57 -13.00
CA ILE A 246 3.86 -9.39 -11.92
C ILE A 246 4.29 -10.77 -12.46
N LYS A 247 3.43 -11.36 -13.27
CA LYS A 247 3.73 -12.66 -13.89
C LYS A 247 4.91 -12.54 -14.85
N LYS A 248 4.90 -11.51 -15.68
CA LYS A 248 5.97 -11.28 -16.66
C LYS A 248 7.33 -11.13 -15.96
N ALA A 249 7.35 -10.47 -14.80
CA ALA A 249 8.60 -10.27 -14.06
C ALA A 249 9.10 -11.54 -13.35
N GLY A 250 8.31 -12.60 -13.37
CA GLY A 250 8.78 -13.87 -12.83
C GLY A 250 8.27 -14.22 -11.45
N PHE A 251 7.25 -13.52 -11.00
CA PHE A 251 6.58 -13.91 -9.76
C PHE A 251 5.37 -14.78 -10.09
N HIS A 252 5.29 -15.94 -9.43
CA HIS A 252 4.25 -16.92 -9.73
C HIS A 252 3.21 -17.01 -8.64
N GLU A 253 3.36 -16.20 -7.59
CA GLU A 253 2.41 -16.17 -6.48
C GLU A 253 2.31 -14.77 -5.87
N LEU A 254 1.15 -14.44 -5.33
CA LEU A 254 1.00 -13.25 -4.50
C LEU A 254 1.08 -13.64 -3.03
N ALA A 255 1.59 -12.74 -2.19
CA ALA A 255 1.69 -13.02 -0.76
C ALA A 255 0.38 -12.67 -0.04
N THR A 256 -0.11 -13.60 0.78
CA THR A 256 -1.26 -13.33 1.64
C THR A 256 -0.83 -13.62 3.09
N PHE A 257 -1.51 -12.99 4.04
CA PHE A 257 -1.06 -13.03 5.42
C PHE A 257 -2.22 -13.33 6.39
N SER A 258 -1.91 -13.97 7.52
CA SER A 258 -2.89 -14.18 8.57
C SER A 258 -2.18 -13.90 9.88
N GLY A 259 -2.73 -13.03 10.70
CA GLY A 259 -2.06 -12.58 11.90
C GLY A 259 -0.64 -12.10 11.64
N MET A 260 -0.45 -11.39 10.53
CA MET A 260 0.86 -10.86 10.10
C MET A 260 1.92 -11.90 9.71
N LYS A 261 1.52 -13.17 9.59
CA LYS A 261 2.43 -14.22 9.13
C LYS A 261 2.07 -14.62 7.72
N ILE A 262 3.07 -14.83 6.88
CA ILE A 262 2.83 -15.27 5.50
C ILE A 262 2.08 -16.62 5.45
N ASP A 263 1.06 -16.69 4.61
CA ASP A 263 0.29 -17.92 4.43
C ASP A 263 1.11 -18.89 3.58
N LYS A 264 1.11 -20.17 3.96
CA LYS A 264 1.88 -21.17 3.23
C LYS A 264 1.10 -21.81 2.07
ZN ZN B . -1.31 5.42 1.44
ZN ZN C . -6.73 7.12 1.98
ZN ZN D . -4.44 3.50 1.08
ZN ZN E . -10.10 -9.67 -12.44
C GK8 F . -4.46 9.31 1.03
N GK8 F . -2.94 9.25 2.91
AS GK8 F . -4.14 6.64 0.45
O1 GK8 F . -4.09 6.81 -1.31
O2 GK8 F . -2.57 6.88 1.27
O3 GK8 F . -5.02 5.25 1.09
O4 GK8 F . -5.09 8.07 0.97
CA GK8 F . -4.13 9.87 2.39
CB GK8 F . -3.91 11.36 2.33
CG GK8 F . -5.10 12.27 2.40
ND1 GK8 F . -5.10 13.58 2.75
CD2 GK8 F . -6.43 11.95 2.10
CE1 GK8 F . -6.35 14.05 2.68
NE2 GK8 F . -7.15 13.06 2.28
CL CL G . -8.66 -9.71 -10.72
CL CL H . -2.93 10.50 16.42
CL CL I . 10.06 -2.03 14.46
N1 IMD J . -10.11 -13.50 -13.83
C2 IMD J . -9.69 -12.22 -13.72
N3 IMD J . -10.56 -11.57 -12.90
C4 IMD J . -11.51 -12.43 -12.51
C5 IMD J . -11.23 -13.66 -13.10
C1 PEG K . -9.25 -3.70 20.91
O1 PEG K . -7.95 -3.15 21.10
C2 PEG K . -9.33 -4.24 19.48
O2 PEG K . -10.21 -5.37 19.42
C3 PEG K . -9.56 -6.49 18.82
C4 PEG K . -10.58 -7.33 18.08
O4 PEG K . -11.59 -7.80 18.98
#